data_4TRC
#
_entry.id   4TRC
#
_cell.length_a   137.200
_cell.length_b   137.200
_cell.length_c   53.800
_cell.angle_alpha   90.00
_cell.angle_beta   90.00
_cell.angle_gamma   120.00
#
_symmetry.space_group_name_H-M   'P 61'
#
loop_
_entity.id
_entity.type
_entity.pdbx_description
1 polymer 'Purine phosphoribosyltransferase (GpT-1)'
2 non-polymer ADENINE
3 non-polymer 'PHOSPHATE ION'
4 water water
#
_entity_poly.entity_id   1
_entity_poly.type   'polypeptide(L)'
_entity_poly.pdbx_seq_one_letter_code
;MQKIPVKVVTWDEIVSLSTKLAEKIKADEYNVNVIVAIARGGLVPARLVADVLGVFDILSIKIEHWIETASHTPEAKVKY
PFKVDLSDKNVLIIDDITDTGDSIELARKYVMENFRPTEVKTATLQYIKPAAKIIPDYYAEEIVSWAWFMYPWNYWEDEI
NLVNKILIERKTKDIDINELKRNFVESYGIENPPISLDKILTEMKRRKIV
;
_entity_poly.pdbx_strand_id   A,B
#
# COMPACT_ATOMS: atom_id res chain seq x y z
N GLN A 2 -3.27 32.81 -3.62
CA GLN A 2 -4.23 31.91 -4.25
C GLN A 2 -3.60 30.79 -5.11
N LYS A 3 -2.34 30.95 -5.51
CA LYS A 3 -1.57 29.84 -6.06
C LYS A 3 -1.25 28.87 -4.95
N ILE A 4 -1.21 27.58 -5.27
CA ILE A 4 -0.78 26.58 -4.31
C ILE A 4 0.43 25.84 -4.87
N PRO A 5 1.51 25.77 -4.10
CA PRO A 5 2.68 25.01 -4.53
C PRO A 5 2.34 23.52 -4.53
N VAL A 6 2.38 22.88 -5.70
CA VAL A 6 2.04 21.48 -5.77
C VAL A 6 3.21 20.72 -6.38
N LYS A 7 3.61 19.62 -5.76
CA LYS A 7 4.63 18.75 -6.33
C LYS A 7 4.10 17.36 -6.71
N VAL A 8 4.18 17.04 -8.00
CA VAL A 8 3.78 15.72 -8.46
C VAL A 8 4.88 14.68 -8.13
N VAL A 9 4.51 13.62 -7.44
CA VAL A 9 5.49 12.58 -7.12
C VAL A 9 5.22 11.33 -7.95
N THR A 10 6.26 10.81 -8.58
CA THR A 10 6.14 9.61 -9.41
C THR A 10 6.42 8.32 -8.62
N TRP A 11 6.07 7.19 -9.22
CA TRP A 11 6.40 5.90 -8.65
C TRP A 11 7.91 5.66 -8.44
N ASP A 12 8.73 6.05 -9.41
CA ASP A 12 10.16 5.94 -9.25
C ASP A 12 10.62 6.70 -8.00
N GLU A 13 10.03 7.85 -7.75
CA GLU A 13 10.40 8.62 -6.58
C GLU A 13 9.95 7.91 -5.31
N ILE A 14 8.74 7.37 -5.32
CA ILE A 14 8.26 6.59 -4.18
C ILE A 14 9.18 5.41 -3.86
N VAL A 15 9.62 4.69 -4.90
CA VAL A 15 10.52 3.55 -4.70
C VAL A 15 11.81 4.05 -4.10
N SER A 16 12.38 5.07 -4.73
CA SER A 16 13.60 5.69 -4.26
C SER A 16 13.49 6.18 -2.81
N LEU A 17 12.44 6.94 -2.50
CA LEU A 17 12.24 7.45 -1.13
C LEU A 17 12.02 6.33 -0.11
N SER A 18 11.21 5.35 -0.49
CA SER A 18 10.92 4.24 0.41
C SER A 18 12.19 3.47 0.73
N THR A 19 13.03 3.30 -0.29
CA THR A 19 14.28 2.56 -0.10
C THR A 19 15.24 3.33 0.80
N LYS A 20 15.32 4.64 0.58
CA LYS A 20 16.22 5.48 1.36
C LYS A 20 15.80 5.47 2.83
N LEU A 21 14.49 5.51 3.04
CA LEU A 21 13.94 5.44 4.37
C LEU A 21 14.35 4.14 5.04
N ALA A 22 14.23 3.04 4.30
CA ALA A 22 14.57 1.75 4.85
C ALA A 22 16.06 1.67 5.18
N GLU A 23 16.91 2.21 4.30
CA GLU A 23 18.35 2.21 4.54
C GLU A 23 18.72 2.91 5.85
N LYS A 24 18.02 3.99 6.20
CA LYS A 24 18.30 4.70 7.45
C LYS A 24 17.98 3.80 8.64
N ILE A 25 16.92 3.03 8.49
CA ILE A 25 16.51 2.13 9.55
C ILE A 25 17.49 0.95 9.68
N LYS A 26 17.98 0.46 8.55
CA LYS A 26 19.03 -0.57 8.54
C LYS A 26 20.26 -0.05 9.27
N ALA A 27 20.74 1.11 8.84
CA ALA A 27 21.94 1.68 9.42
C ALA A 27 21.81 1.85 10.92
N ASP A 28 20.62 2.24 11.36
CA ASP A 28 20.38 2.48 12.78
C ASP A 28 20.20 1.18 13.56
N GLU A 29 20.20 0.06 12.85
CA GLU A 29 20.03 -1.25 13.45
C GLU A 29 18.82 -1.38 14.38
N TYR A 30 17.74 -0.69 14.06
CA TYR A 30 16.46 -0.91 14.74
C TYR A 30 15.81 -2.15 14.17
N ASN A 31 15.51 -3.10 15.04
CA ASN A 31 15.04 -4.40 14.60
C ASN A 31 13.52 -4.47 14.63
N VAL A 32 12.91 -4.19 13.49
CA VAL A 32 11.47 -4.03 13.39
C VAL A 32 10.75 -5.37 13.31
N ASN A 33 9.77 -5.56 14.18
CA ASN A 33 8.99 -6.80 14.20
C ASN A 33 7.67 -6.58 13.51
N VAL A 34 7.08 -5.42 13.76
CA VAL A 34 5.75 -5.11 13.29
C VAL A 34 5.72 -3.68 12.76
N ILE A 35 5.21 -3.50 11.55
CA ILE A 35 4.99 -2.17 11.03
C ILE A 35 3.52 -1.80 11.19
N VAL A 36 3.24 -0.68 11.82
CA VAL A 36 1.88 -0.17 11.88
C VAL A 36 1.77 0.98 10.89
N ALA A 37 0.95 0.81 9.85
CA ALA A 37 0.73 1.84 8.85
C ALA A 37 -0.41 2.76 9.26
N ILE A 38 -0.23 4.05 9.02
CA ILE A 38 -1.31 5.01 9.19
C ILE A 38 -2.10 5.07 7.89
N ALA A 39 -3.33 4.61 7.92
CA ALA A 39 -4.18 4.61 6.73
C ALA A 39 -4.80 6.00 6.58
N ARG A 40 -4.94 6.49 5.36
CA ARG A 40 -4.61 5.75 4.15
C ARG A 40 -3.19 6.00 3.62
N GLY A 41 -2.55 7.07 4.08
CA GLY A 41 -1.34 7.58 3.45
C GLY A 41 -0.10 6.72 3.61
N GLY A 42 -0.08 5.93 4.66
CA GLY A 42 1.08 5.10 4.96
C GLY A 42 1.06 3.70 4.39
N LEU A 43 -0.06 3.27 3.82
CA LEU A 43 -0.18 1.89 3.37
C LEU A 43 0.94 1.53 2.38
N VAL A 44 1.05 2.32 1.31
CA VAL A 44 2.04 2.04 0.28
C VAL A 44 3.50 2.07 0.80
N PRO A 45 3.93 3.17 1.41
CA PRO A 45 5.30 3.22 1.95
C PRO A 45 5.53 2.12 3.00
N ALA A 46 4.51 1.80 3.79
CA ALA A 46 4.60 0.69 4.75
C ALA A 46 4.98 -0.60 4.06
N ARG A 47 4.27 -0.95 3.00
CA ARG A 47 4.54 -2.17 2.27
C ARG A 47 5.98 -2.20 1.73
N LEU A 48 6.41 -1.12 1.09
CA LEU A 48 7.74 -1.08 0.46
C LEU A 48 8.87 -1.18 1.47
N VAL A 49 8.74 -0.45 2.57
CA VAL A 49 9.72 -0.54 3.63
C VAL A 49 9.79 -1.96 4.19
N ALA A 50 8.62 -2.57 4.42
CA ALA A 50 8.55 -3.96 4.85
C ALA A 50 9.34 -4.92 3.92
N ASP A 51 9.25 -4.70 2.61
CA ASP A 51 9.94 -5.55 1.66
C ASP A 51 11.46 -5.46 1.79
N VAL A 52 11.97 -4.24 1.91
CA VAL A 52 13.39 -3.97 2.00
C VAL A 52 13.98 -4.46 3.34
N LEU A 53 13.21 -4.34 4.41
CA LEU A 53 13.70 -4.69 5.74
C LEU A 53 13.44 -6.14 6.12
N GLY A 54 12.46 -6.76 5.48
CA GLY A 54 12.11 -8.13 5.77
C GLY A 54 11.13 -8.27 6.92
N VAL A 55 10.10 -7.43 6.91
CA VAL A 55 9.07 -7.43 7.94
C VAL A 55 7.83 -8.09 7.38
N PHE A 56 7.32 -9.07 8.11
CA PHE A 56 6.20 -9.88 7.64
C PHE A 56 4.87 -9.38 8.19
N ASP A 57 4.90 -8.71 9.33
CA ASP A 57 3.65 -8.29 9.96
C ASP A 57 3.38 -6.78 9.85
N ILE A 58 2.35 -6.45 9.09
CA ILE A 58 1.92 -5.07 8.92
C ILE A 58 0.47 -4.93 9.40
N LEU A 59 0.21 -3.97 10.27
CA LEU A 59 -1.15 -3.64 10.64
C LEU A 59 -1.43 -2.19 10.24
N SER A 60 -2.68 -1.76 10.33
CA SER A 60 -3.01 -0.39 10.02
C SER A 60 -4.10 0.22 10.91
N ILE A 61 -3.97 1.53 11.15
CA ILE A 61 -5.01 2.29 11.82
C ILE A 61 -5.40 3.48 10.95
N LYS A 62 -6.71 3.68 10.77
CA LYS A 62 -7.22 4.82 10.01
C LYS A 62 -7.29 6.05 10.91
N ILE A 63 -6.67 7.13 10.45
CA ILE A 63 -6.73 8.38 11.19
C ILE A 63 -7.55 9.40 10.39
N GLU A 64 -8.55 9.96 11.05
CA GLU A 64 -9.38 11.03 10.50
C GLU A 64 -8.93 12.40 11.03
N HIS A 65 -9.14 13.43 10.22
CA HIS A 65 -8.82 14.79 10.62
C HIS A 65 -10.06 15.67 10.59
N TRP A 66 -10.40 16.23 11.75
CA TRP A 66 -11.61 17.03 11.90
C TRP A 66 -11.31 18.48 12.23
N ILE A 67 -12.15 19.38 11.74
CA ILE A 67 -12.02 20.80 12.00
C ILE A 67 -13.36 21.34 12.54
N GLU A 68 -13.32 22.10 13.61
CA GLU A 68 -14.55 22.68 14.13
C GLU A 68 -14.82 23.97 13.38
N THR A 69 -16.04 24.13 12.89
CA THR A 69 -16.32 25.21 11.93
C THR A 69 -16.08 26.63 12.46
N ALA A 70 -16.70 26.94 13.58
CA ALA A 70 -16.58 28.26 14.20
C ALA A 70 -15.19 28.57 14.77
N SER A 71 -14.64 27.64 15.54
CA SER A 71 -13.32 27.85 16.16
C SER A 71 -12.13 27.57 15.27
N HIS A 72 -12.34 26.79 14.20
CA HIS A 72 -11.24 26.34 13.35
C HIS A 72 -10.30 25.40 14.09
N THR A 73 -10.78 24.85 15.20
CA THR A 73 -9.98 23.89 15.96
C THR A 73 -9.80 22.59 15.20
N PRO A 74 -8.54 22.13 15.06
CA PRO A 74 -8.29 20.85 14.40
C PRO A 74 -8.35 19.74 15.41
N GLU A 75 -8.85 18.57 15.03
CA GLU A 75 -8.67 17.38 15.86
C GLU A 75 -8.49 16.08 15.07
N ALA A 76 -7.48 15.31 15.43
CA ALA A 76 -7.20 14.04 14.77
C ALA A 76 -7.75 12.89 15.62
N LYS A 77 -8.36 11.90 14.97
CA LYS A 77 -9.04 10.81 15.67
C LYS A 77 -8.81 9.46 14.96
N VAL A 78 -8.55 8.42 15.73
CA VAL A 78 -8.54 7.09 15.15
C VAL A 78 -9.99 6.65 14.90
N LYS A 79 -10.29 6.22 13.68
CA LYS A 79 -11.60 5.66 13.36
C LYS A 79 -11.50 4.12 13.39
N TYR A 80 -12.60 3.46 13.74
CA TYR A 80 -12.60 2.00 13.96
C TYR A 80 -11.40 1.54 14.80
N PRO A 81 -11.25 2.09 16.01
CA PRO A 81 -10.15 1.72 16.90
C PRO A 81 -10.24 0.31 17.44
N PHE A 82 -9.10 -0.35 17.57
CA PHE A 82 -9.07 -1.72 18.07
C PHE A 82 -7.86 -1.92 18.95
N LYS A 83 -7.79 -3.08 19.61
CA LYS A 83 -6.66 -3.39 20.46
C LYS A 83 -6.08 -4.73 20.05
N VAL A 84 -4.76 -4.84 20.08
CA VAL A 84 -4.07 -6.11 19.91
C VAL A 84 -2.84 -6.11 20.79
N ASP A 85 -2.28 -7.30 21.01
CA ASP A 85 -1.18 -7.42 21.96
C ASP A 85 0.15 -7.54 21.24
N LEU A 86 0.91 -6.44 21.24
CA LEU A 86 2.21 -6.42 20.60
C LEU A 86 3.35 -6.37 21.60
N SER A 87 3.10 -6.85 22.82
CA SER A 87 4.18 -6.93 23.80
C SER A 87 5.22 -7.90 23.25
N ASP A 88 6.49 -7.61 23.53
CA ASP A 88 7.60 -8.38 22.96
C ASP A 88 7.95 -7.98 21.51
N LYS A 89 7.32 -6.93 21.00
CA LYS A 89 7.56 -6.54 19.62
C LYS A 89 8.16 -5.15 19.49
N ASN A 90 8.98 -4.98 18.46
CA ASN A 90 9.45 -3.66 18.05
C ASN A 90 8.57 -3.15 16.92
N VAL A 91 7.89 -2.03 17.17
CA VAL A 91 6.97 -1.47 16.21
C VAL A 91 7.56 -0.29 15.45
N LEU A 92 7.27 -0.24 14.16
CA LEU A 92 7.60 0.92 13.34
C LEU A 92 6.31 1.45 12.78
N ILE A 93 5.99 2.70 13.12
CA ILE A 93 4.84 3.37 12.57
C ILE A 93 5.24 4.11 11.31
N ILE A 94 4.46 3.93 10.23
CA ILE A 94 4.78 4.56 8.96
C ILE A 94 3.63 5.37 8.37
N ASP A 95 3.98 6.57 7.88
CA ASP A 95 3.06 7.41 7.13
C ASP A 95 3.79 8.03 5.94
N ASP A 96 3.03 8.64 5.02
CA ASP A 96 3.63 9.28 3.85
C ASP A 96 4.42 10.57 4.18
N ILE A 97 3.80 11.49 4.90
CA ILE A 97 4.43 12.79 5.15
C ILE A 97 4.18 13.28 6.59
N THR A 98 5.19 13.85 7.21
CA THR A 98 4.95 14.61 8.43
C THR A 98 4.75 16.07 8.05
N ASP A 99 3.53 16.57 8.17
CA ASP A 99 3.27 17.98 7.88
C ASP A 99 3.24 18.82 9.16
N THR A 100 2.10 18.80 9.86
CA THR A 100 2.01 19.42 11.19
C THR A 100 2.62 18.48 12.23
N GLY A 101 2.55 17.18 11.96
CA GLY A 101 3.02 16.18 12.89
C GLY A 101 1.90 15.71 13.80
N ASP A 102 0.70 16.25 13.59
CA ASP A 102 -0.47 15.85 14.35
C ASP A 102 -0.76 14.34 14.27
N SER A 103 -0.61 13.79 13.07
CA SER A 103 -0.93 12.38 12.82
C SER A 103 0.02 11.42 13.52
N ILE A 104 1.33 11.60 13.33
CA ILE A 104 2.27 10.69 13.97
C ILE A 104 2.26 10.84 15.47
N GLU A 105 1.94 12.04 15.95
CA GLU A 105 1.77 12.24 17.39
C GLU A 105 0.64 11.36 17.94
N LEU A 106 -0.52 11.41 17.30
CA LEU A 106 -1.66 10.60 17.71
C LEU A 106 -1.37 9.12 17.58
N ALA A 107 -0.86 8.71 16.42
CA ALA A 107 -0.54 7.32 16.15
C ALA A 107 0.34 6.76 17.26
N ARG A 108 1.39 7.52 17.61
CA ARG A 108 2.34 7.04 18.61
C ARG A 108 1.66 6.83 19.97
N LYS A 109 0.92 7.82 20.43
CA LYS A 109 0.17 7.67 21.67
C LYS A 109 -0.75 6.47 21.58
N TYR A 110 -1.57 6.44 20.53
CA TYR A 110 -2.52 5.36 20.36
C TYR A 110 -1.84 4.00 20.51
N VAL A 111 -0.77 3.82 19.74
CA VAL A 111 -0.09 2.53 19.65
C VAL A 111 0.48 2.10 20.99
N MET A 112 1.10 3.04 21.71
CA MET A 112 1.64 2.73 23.03
C MET A 112 0.58 2.33 24.08
N GLU A 113 -0.59 2.94 24.03
CA GLU A 113 -1.65 2.63 24.98
C GLU A 113 -2.41 1.36 24.66
N ASN A 114 -2.56 1.07 23.38
CA ASN A 114 -3.48 0.02 22.98
C ASN A 114 -2.84 -1.25 22.44
N PHE A 115 -1.60 -1.15 21.97
CA PHE A 115 -0.88 -2.29 21.42
C PHE A 115 0.20 -2.71 22.40
N ARG A 116 0.57 -1.78 23.27
CA ARG A 116 1.57 -2.02 24.32
C ARG A 116 2.82 -2.76 23.81
N PRO A 117 3.54 -2.17 22.86
CA PRO A 117 4.75 -2.76 22.28
C PRO A 117 5.94 -2.50 23.17
N THR A 118 7.00 -3.30 23.00
CA THR A 118 8.25 -3.09 23.71
C THR A 118 8.86 -1.76 23.30
N GLU A 119 8.80 -1.45 22.01
CA GLU A 119 9.33 -0.18 21.52
C GLU A 119 8.62 0.31 20.26
N VAL A 120 8.60 1.64 20.10
CA VAL A 120 7.93 2.28 18.99
C VAL A 120 8.79 3.35 18.37
N LYS A 121 8.86 3.35 17.04
CA LYS A 121 9.50 4.43 16.30
C LYS A 121 8.62 4.89 15.15
N THR A 122 8.91 6.06 14.61
CA THR A 122 8.09 6.67 13.56
C THR A 122 8.91 6.96 12.31
N ALA A 123 8.29 6.81 11.15
CA ALA A 123 8.95 7.04 9.88
C ALA A 123 7.99 7.56 8.82
N THR A 124 8.43 8.55 8.05
CA THR A 124 7.64 9.05 6.95
C THR A 124 8.58 9.32 5.76
N LEU A 125 8.03 9.28 4.55
CA LEU A 125 8.84 9.55 3.38
C LEU A 125 9.34 10.98 3.44
N GLN A 126 8.43 11.90 3.74
CA GLN A 126 8.78 13.32 3.76
C GLN A 126 8.47 13.99 5.07
N TYR A 127 9.18 15.08 5.33
CA TYR A 127 9.14 15.79 6.59
C TYR A 127 9.30 17.29 6.33
N ILE A 128 8.27 18.06 6.65
CA ILE A 128 8.30 19.49 6.39
C ILE A 128 8.80 20.24 7.60
N LYS A 129 10.10 20.56 7.57
CA LYS A 129 10.79 21.20 8.68
C LYS A 129 10.02 22.38 9.28
N PRO A 130 9.62 23.37 8.44
CA PRO A 130 8.95 24.58 8.94
C PRO A 130 7.61 24.28 9.62
N ALA A 131 6.90 23.26 9.15
CA ALA A 131 5.53 23.00 9.62
C ALA A 131 5.43 22.04 10.80
N ALA A 132 6.40 21.14 10.96
CA ALA A 132 6.27 20.00 11.87
C ALA A 132 6.53 20.30 13.35
N LYS A 133 5.55 20.05 14.20
CA LYS A 133 5.71 20.25 15.63
C LYS A 133 6.46 19.07 16.25
N ILE A 134 6.40 17.93 15.58
CA ILE A 134 7.13 16.73 16.02
C ILE A 134 7.95 16.17 14.86
N ILE A 135 9.19 15.80 15.12
CA ILE A 135 10.05 15.21 14.10
C ILE A 135 10.00 13.68 14.20
N PRO A 136 9.65 13.00 13.10
CA PRO A 136 9.65 11.53 13.08
C PRO A 136 11.06 11.01 13.32
N ASP A 137 11.17 9.82 13.88
CA ASP A 137 12.50 9.24 14.14
C ASP A 137 13.29 9.04 12.83
N TYR A 138 12.61 8.64 11.77
CA TYR A 138 13.26 8.52 10.47
C TYR A 138 12.45 9.21 9.40
N TYR A 139 13.14 9.82 8.44
CA TYR A 139 12.48 10.37 7.28
C TYR A 139 13.44 10.26 6.11
N ALA A 140 12.91 10.16 4.90
CA ALA A 140 13.74 10.02 3.72
C ALA A 140 14.18 11.35 3.15
N GLU A 141 13.31 12.36 3.26
CA GLU A 141 13.57 13.64 2.61
C GLU A 141 13.02 14.80 3.44
N GLU A 142 13.87 15.75 3.75
CA GLU A 142 13.45 16.97 4.43
C GLU A 142 12.94 17.99 3.40
N ILE A 143 11.79 18.58 3.70
CA ILE A 143 11.21 19.64 2.89
C ILE A 143 11.30 20.95 3.69
N VAL A 144 11.88 21.98 3.09
CA VAL A 144 12.12 23.21 3.83
C VAL A 144 11.18 24.32 3.39
N SER A 145 10.40 24.06 2.35
CA SER A 145 9.34 24.98 1.93
C SER A 145 8.02 24.23 1.70
N TRP A 146 6.99 24.56 2.46
CA TRP A 146 5.69 23.89 2.33
C TRP A 146 5.20 23.75 0.90
N ALA A 147 4.67 22.58 0.58
CA ALA A 147 4.04 22.35 -0.70
C ALA A 147 3.08 21.20 -0.51
N TRP A 148 2.14 21.06 -1.43
CA TRP A 148 1.26 19.90 -1.39
C TRP A 148 1.89 18.79 -2.21
N PHE A 149 2.16 17.66 -1.58
CA PHE A 149 2.74 16.54 -2.30
C PHE A 149 1.68 15.61 -2.83
N MET A 150 1.68 15.49 -4.15
CA MET A 150 0.70 14.68 -4.84
C MET A 150 1.29 13.28 -5.07
N TYR A 151 0.90 12.34 -4.23
CA TYR A 151 1.40 10.97 -4.34
C TYR A 151 0.66 10.16 -5.39
N PRO A 152 1.34 9.17 -6.00
CA PRO A 152 0.79 8.39 -7.12
C PRO A 152 -0.43 7.60 -6.68
N TRP A 153 -0.62 7.39 -5.39
CA TRP A 153 -1.80 6.67 -4.90
C TRP A 153 -2.91 7.64 -4.54
N ASN A 154 -2.75 8.91 -4.94
CA ASN A 154 -3.66 9.97 -4.55
C ASN A 154 -4.05 10.84 -5.74
N TYR A 155 -3.61 10.46 -6.94
CA TYR A 155 -3.76 11.32 -8.12
C TYR A 155 -5.20 11.72 -8.41
N TRP A 156 -6.12 10.77 -8.32
CA TRP A 156 -7.54 11.06 -8.57
C TRP A 156 -8.09 12.07 -7.53
N GLU A 157 -7.98 11.72 -6.27
CA GLU A 157 -8.57 12.51 -5.20
C GLU A 157 -7.95 13.90 -5.14
N ASP A 158 -6.64 13.97 -5.26
CA ASP A 158 -5.95 15.25 -5.25
C ASP A 158 -6.39 16.13 -6.42
N GLU A 159 -6.50 15.55 -7.60
CA GLU A 159 -6.89 16.34 -8.75
C GLU A 159 -8.33 16.77 -8.66
N ILE A 160 -9.18 15.89 -8.14
CA ILE A 160 -10.58 16.23 -7.90
C ILE A 160 -10.67 17.44 -6.98
N ASN A 161 -9.93 17.42 -5.87
CA ASN A 161 -9.97 18.53 -4.92
C ASN A 161 -9.37 19.82 -5.51
N LEU A 162 -8.30 19.68 -6.30
CA LEU A 162 -7.67 20.85 -6.92
C LEU A 162 -8.56 21.49 -7.98
N VAL A 163 -9.28 20.66 -8.72
CA VAL A 163 -10.30 21.15 -9.65
C VAL A 163 -11.41 21.88 -8.89
N ASN A 164 -11.92 21.25 -7.83
CA ASN A 164 -12.98 21.85 -7.05
C ASN A 164 -12.61 23.23 -6.55
N LYS A 165 -11.36 23.39 -6.10
CA LYS A 165 -10.91 24.66 -5.54
C LYS A 165 -10.99 25.75 -6.60
N ILE A 166 -10.77 25.37 -7.85
CA ILE A 166 -10.88 26.34 -8.95
C ILE A 166 -12.34 26.67 -9.26
N LEU A 167 -13.17 25.64 -9.38
CA LEU A 167 -14.57 25.80 -9.78
C LEU A 167 -15.37 26.67 -8.83
N ILE A 168 -15.07 26.61 -7.54
CA ILE A 168 -15.85 27.40 -6.58
C ILE A 168 -15.51 28.89 -6.58
N GLU A 169 -14.45 29.28 -7.29
CA GLU A 169 -14.11 30.69 -7.44
C GLU A 169 -14.86 31.32 -8.58
N ARG A 170 -15.07 30.53 -9.63
CA ARG A 170 -15.70 31.01 -10.84
C ARG A 170 -17.05 31.65 -10.56
N LYS A 171 -17.15 32.92 -10.94
CA LYS A 171 -18.38 33.70 -10.78
C LYS A 171 -19.47 33.24 -11.75
N THR A 172 -19.06 32.81 -12.93
CA THR A 172 -20.01 32.25 -13.88
C THR A 172 -19.49 30.90 -14.35
N LYS A 173 -20.35 29.88 -14.30
CA LYS A 173 -19.95 28.54 -14.71
C LYS A 173 -19.19 28.59 -16.03
N ASP A 174 -18.34 27.59 -16.24
CA ASP A 174 -17.50 27.55 -17.44
C ASP A 174 -17.02 26.12 -17.66
N ILE A 175 -17.48 25.53 -18.77
CA ILE A 175 -17.22 24.14 -19.05
C ILE A 175 -15.96 24.00 -19.90
N ASP A 176 -15.57 25.09 -20.56
CA ASP A 176 -14.38 25.10 -21.38
C ASP A 176 -13.23 24.48 -20.59
N ILE A 177 -13.13 23.16 -20.73
CA ILE A 177 -12.04 22.37 -20.18
C ILE A 177 -10.72 23.10 -20.41
N ASN A 178 -10.65 23.86 -21.50
CA ASN A 178 -9.45 24.62 -21.80
C ASN A 178 -9.17 25.73 -20.82
N GLU A 179 -10.24 26.35 -20.31
CA GLU A 179 -10.10 27.31 -19.25
C GLU A 179 -9.56 26.59 -18.00
N LEU A 180 -10.23 25.50 -17.63
CA LEU A 180 -9.84 24.69 -16.49
C LEU A 180 -8.36 24.32 -16.55
N LYS A 181 -7.89 23.83 -17.70
CA LYS A 181 -6.49 23.41 -17.83
C LYS A 181 -5.54 24.57 -17.65
N ARG A 182 -5.93 25.72 -18.19
CA ARG A 182 -5.12 26.92 -18.11
C ARG A 182 -4.97 27.37 -16.66
N ASN A 183 -6.08 27.33 -15.91
CA ASN A 183 -6.08 27.67 -14.49
C ASN A 183 -5.22 26.73 -13.68
N PHE A 184 -5.27 25.45 -14.03
CA PHE A 184 -4.48 24.41 -13.38
C PHE A 184 -3.02 24.72 -13.49
N VAL A 185 -2.60 25.18 -14.67
CA VAL A 185 -1.22 25.60 -14.84
C VAL A 185 -0.94 26.86 -14.03
N GLU A 186 -1.81 27.85 -14.16
CA GLU A 186 -1.64 29.10 -13.44
C GLU A 186 -1.62 28.90 -11.91
N SER A 187 -2.54 28.09 -11.39
CA SER A 187 -2.67 27.97 -9.94
C SER A 187 -1.72 26.95 -9.32
N TYR A 188 -1.39 25.90 -10.06
CA TYR A 188 -0.71 24.74 -9.47
C TYR A 188 0.61 24.41 -10.15
N GLY A 189 0.83 25.00 -11.31
CA GLY A 189 2.07 24.80 -12.04
C GLY A 189 2.14 23.44 -12.71
N ILE A 190 0.99 22.86 -13.02
CA ILE A 190 0.95 21.51 -13.57
C ILE A 190 0.43 21.51 -14.99
N GLU A 191 1.35 21.30 -15.94
CA GLU A 191 1.04 21.35 -17.36
C GLU A 191 0.41 20.05 -17.84
N ASN A 192 0.83 18.94 -17.24
CA ASN A 192 0.31 17.63 -17.59
C ASN A 192 -0.08 16.79 -16.39
N PRO A 193 -1.31 16.96 -15.92
CA PRO A 193 -1.77 16.20 -14.75
C PRO A 193 -1.67 14.72 -15.03
N PRO A 194 -1.22 13.93 -14.05
CA PRO A 194 -1.16 12.47 -14.24
C PRO A 194 -2.49 11.91 -14.77
N ILE A 195 -3.62 12.34 -14.21
CA ILE A 195 -4.91 11.94 -14.76
C ILE A 195 -5.49 13.13 -15.54
N SER A 196 -5.84 12.93 -16.81
CA SER A 196 -6.38 14.01 -17.64
C SER A 196 -7.67 14.60 -17.06
N LEU A 197 -7.77 15.94 -17.11
CA LEU A 197 -8.87 16.64 -16.43
C LEU A 197 -10.26 16.24 -16.92
N ASP A 198 -10.38 15.84 -18.19
CA ASP A 198 -11.68 15.35 -18.63
C ASP A 198 -12.08 14.09 -17.84
N LYS A 199 -11.12 13.19 -17.58
CA LYS A 199 -11.43 12.03 -16.75
C LYS A 199 -11.83 12.46 -15.35
N ILE A 200 -11.10 13.43 -14.81
CA ILE A 200 -11.43 13.94 -13.47
C ILE A 200 -12.86 14.49 -13.40
N LEU A 201 -13.24 15.29 -14.39
CA LEU A 201 -14.58 15.86 -14.46
C LEU A 201 -15.68 14.79 -14.53
N THR A 202 -15.49 13.83 -15.43
CA THR A 202 -16.43 12.71 -15.53
C THR A 202 -16.66 12.09 -14.15
N GLU A 203 -15.56 11.78 -13.47
CA GLU A 203 -15.62 11.13 -12.16
C GLU A 203 -16.27 12.02 -11.09
N MET A 204 -16.07 13.33 -11.20
CA MET A 204 -16.72 14.25 -10.27
C MET A 204 -18.23 14.19 -10.43
N LYS A 205 -18.68 14.18 -11.69
CA LYS A 205 -20.07 13.94 -12.01
C LYS A 205 -20.59 12.64 -11.39
N ARG A 206 -19.96 11.52 -11.73
CA ARG A 206 -20.37 10.22 -11.17
C ARG A 206 -20.56 10.30 -9.64
N ARG A 207 -19.64 10.96 -8.94
CA ARG A 207 -19.69 10.99 -7.49
C ARG A 207 -20.71 11.99 -6.97
N LYS A 208 -21.32 12.73 -7.88
CA LYS A 208 -22.29 13.78 -7.50
C LYS A 208 -21.57 15.02 -6.92
N ILE A 209 -20.32 15.23 -7.31
CA ILE A 209 -19.57 16.42 -6.90
C ILE A 209 -19.82 17.60 -7.85
N VAL A 210 -20.16 17.27 -9.10
CA VAL A 210 -20.60 18.24 -10.12
C VAL A 210 -21.85 17.74 -10.88
N GLN B 2 11.88 -28.35 -12.54
CA GLN B 2 12.72 -27.52 -11.67
C GLN B 2 12.80 -26.05 -12.09
N LYS B 3 12.43 -25.75 -13.32
CA LYS B 3 12.19 -24.37 -13.73
C LYS B 3 10.91 -23.89 -13.06
N ILE B 4 10.88 -22.61 -12.70
CA ILE B 4 9.63 -22.01 -12.20
C ILE B 4 9.22 -20.85 -13.10
N PRO B 5 7.97 -20.86 -13.58
CA PRO B 5 7.49 -19.75 -14.42
C PRO B 5 7.36 -18.51 -13.54
N VAL B 6 8.13 -17.49 -13.81
CA VAL B 6 8.06 -16.29 -13.01
C VAL B 6 7.72 -15.09 -13.89
N LYS B 7 6.77 -14.28 -13.43
CA LYS B 7 6.41 -13.06 -14.15
C LYS B 7 6.76 -11.84 -13.32
N VAL B 8 7.64 -11.00 -13.86
CA VAL B 8 7.93 -9.72 -13.22
C VAL B 8 6.84 -8.69 -13.55
N VAL B 9 6.25 -8.10 -12.51
CA VAL B 9 5.22 -7.08 -12.71
C VAL B 9 5.75 -5.70 -12.35
N THR B 10 5.57 -4.74 -13.26
CA THR B 10 6.03 -3.38 -13.05
C THR B 10 4.97 -2.50 -12.39
N TRP B 11 5.40 -1.32 -11.97
CA TRP B 11 4.47 -0.34 -11.42
C TRP B 11 3.39 0.08 -12.43
N ASP B 12 3.80 0.34 -13.67
CA ASP B 12 2.83 0.70 -14.71
C ASP B 12 1.74 -0.37 -14.83
N GLU B 13 2.12 -1.63 -14.70
CA GLU B 13 1.13 -2.71 -14.75
C GLU B 13 0.22 -2.72 -13.53
N ILE B 14 0.79 -2.51 -12.34
CA ILE B 14 -0.01 -2.36 -11.13
C ILE B 14 -1.04 -1.22 -11.26
N VAL B 15 -0.61 -0.07 -11.77
CA VAL B 15 -1.51 1.07 -11.89
C VAL B 15 -2.64 0.65 -12.83
N SER B 16 -2.23 0.12 -13.97
CA SER B 16 -3.17 -0.32 -14.99
C SER B 16 -4.15 -1.37 -14.46
N LEU B 17 -3.63 -2.40 -13.79
CA LEU B 17 -4.48 -3.45 -13.23
C LEU B 17 -5.40 -2.90 -12.16
N SER B 18 -4.84 -2.08 -11.27
CA SER B 18 -5.62 -1.54 -10.17
C SER B 18 -6.77 -0.70 -10.72
N THR B 19 -6.49 0.08 -11.73
CA THR B 19 -7.51 0.94 -12.32
C THR B 19 -8.61 0.11 -12.98
N LYS B 20 -8.21 -0.95 -13.69
CA LYS B 20 -9.17 -1.78 -14.41
C LYS B 20 -10.07 -2.47 -13.40
N LEU B 21 -9.47 -2.93 -12.30
CA LEU B 21 -10.24 -3.50 -11.21
C LEU B 21 -11.27 -2.51 -10.68
N ALA B 22 -10.86 -1.26 -10.50
CA ALA B 22 -11.76 -0.24 -9.98
C ALA B 22 -12.90 -0.02 -10.96
N GLU B 23 -12.58 0.08 -12.25
CA GLU B 23 -13.60 0.29 -13.27
C GLU B 23 -14.72 -0.77 -13.25
N LYS B 24 -14.35 -2.02 -13.01
CA LYS B 24 -15.33 -3.10 -12.95
C LYS B 24 -16.28 -2.85 -11.80
N ILE B 25 -15.73 -2.33 -10.71
CA ILE B 25 -16.53 -2.07 -9.51
C ILE B 25 -17.44 -0.87 -9.72
N LYS B 26 -16.93 0.16 -10.40
CA LYS B 26 -17.74 1.29 -10.83
C LYS B 26 -18.90 0.79 -11.68
N ALA B 27 -18.58 0.05 -12.74
CA ALA B 27 -19.61 -0.40 -13.66
C ALA B 27 -20.68 -1.20 -12.93
N ASP B 28 -20.26 -1.99 -11.94
CA ASP B 28 -21.19 -2.84 -11.21
C ASP B 28 -22.00 -2.05 -10.18
N GLU B 29 -21.70 -0.77 -10.06
CA GLU B 29 -22.39 0.09 -9.09
C GLU B 29 -22.46 -0.45 -7.67
N TYR B 30 -21.42 -1.17 -7.25
CA TYR B 30 -21.27 -1.51 -5.84
C TYR B 30 -20.73 -0.31 -5.08
N ASN B 31 -21.45 0.12 -4.07
CA ASN B 31 -21.10 1.33 -3.36
C ASN B 31 -20.27 1.03 -2.12
N VAL B 32 -18.96 1.13 -2.26
CA VAL B 32 -18.03 0.66 -1.24
C VAL B 32 -17.84 1.72 -0.17
N ASN B 33 -17.99 1.32 1.09
CA ASN B 33 -17.85 2.24 2.23
C ASN B 33 -16.50 2.05 2.87
N VAL B 34 -16.12 0.77 2.97
CA VAL B 34 -14.90 0.38 3.68
C VAL B 34 -14.17 -0.66 2.85
N ILE B 35 -12.88 -0.44 2.63
CA ILE B 35 -12.02 -1.46 2.04
C ILE B 35 -11.26 -2.18 3.13
N VAL B 36 -11.34 -3.51 3.16
CA VAL B 36 -10.50 -4.29 4.07
C VAL B 36 -9.41 -4.94 3.23
N ALA B 37 -8.16 -4.55 3.50
CA ALA B 37 -7.00 -5.07 2.77
C ALA B 37 -6.46 -6.32 3.47
N ILE B 38 -6.13 -7.34 2.68
CA ILE B 38 -5.41 -8.50 3.20
C ILE B 38 -3.92 -8.17 3.21
N ALA B 39 -3.34 -8.06 4.38
CA ALA B 39 -1.92 -7.77 4.52
C ALA B 39 -1.15 -9.08 4.37
N ARG B 40 0.02 -9.05 3.73
CA ARG B 40 0.63 -7.83 3.21
C ARG B 40 0.28 -7.51 1.76
N GLY B 41 -0.19 -8.51 1.02
CA GLY B 41 -0.29 -8.43 -0.44
C GLY B 41 -1.30 -7.43 -0.99
N GLY B 42 -2.33 -7.15 -0.20
CA GLY B 42 -3.42 -6.31 -0.65
C GLY B 42 -3.27 -4.84 -0.32
N LEU B 43 -2.28 -4.48 0.51
CA LEU B 43 -2.15 -3.09 0.96
C LEU B 43 -2.04 -2.11 -0.23
N VAL B 44 -1.11 -2.36 -1.14
CA VAL B 44 -0.94 -1.46 -2.28
C VAL B 44 -2.17 -1.37 -3.23
N PRO B 45 -2.66 -2.53 -3.72
CA PRO B 45 -3.87 -2.48 -4.57
C PRO B 45 -5.05 -1.86 -3.82
N ALA B 46 -5.17 -2.14 -2.53
CA ALA B 46 -6.24 -1.54 -1.73
C ALA B 46 -6.18 0.00 -1.84
N ARG B 47 -4.99 0.55 -1.65
CA ARG B 47 -4.84 1.99 -1.66
C ARG B 47 -5.24 2.56 -3.03
N LEU B 48 -4.72 1.98 -4.10
CA LEU B 48 -4.99 2.49 -5.45
C LEU B 48 -6.45 2.42 -5.85
N VAL B 49 -7.10 1.30 -5.51
CA VAL B 49 -8.52 1.15 -5.75
C VAL B 49 -9.31 2.21 -4.98
N ALA B 50 -8.93 2.42 -3.72
CA ALA B 50 -9.57 3.45 -2.90
C ALA B 50 -9.50 4.85 -3.57
N ASP B 51 -8.36 5.15 -4.18
CA ASP B 51 -8.18 6.44 -4.81
C ASP B 51 -9.15 6.64 -5.98
N VAL B 52 -9.24 5.62 -6.83
CA VAL B 52 -10.09 5.67 -8.01
C VAL B 52 -11.59 5.69 -7.68
N LEU B 53 -11.97 4.96 -6.64
CA LEU B 53 -13.38 4.86 -6.25
C LEU B 53 -13.85 5.96 -5.28
N GLY B 54 -12.91 6.55 -4.55
CA GLY B 54 -13.25 7.54 -3.55
C GLY B 54 -13.63 6.94 -2.20
N VAL B 55 -12.87 5.96 -1.78
CA VAL B 55 -13.06 5.34 -0.46
C VAL B 55 -12.06 5.88 0.53
N PHE B 56 -12.55 6.34 1.67
CA PHE B 56 -11.73 7.00 2.68
C PHE B 56 -11.29 6.04 3.77
N ASP B 57 -12.06 4.97 4.00
CA ASP B 57 -11.76 4.07 5.11
C ASP B 57 -11.19 2.74 4.64
N ILE B 58 -9.91 2.52 4.95
CA ILE B 58 -9.26 1.25 4.66
C ILE B 58 -8.79 0.63 5.97
N LEU B 59 -9.09 -0.66 6.16
CA LEU B 59 -8.54 -1.40 7.29
C LEU B 59 -7.77 -2.59 6.75
N SER B 60 -7.02 -3.26 7.61
CA SER B 60 -6.26 -4.43 7.15
C SER B 60 -6.23 -5.58 8.17
N ILE B 61 -6.21 -6.80 7.63
CA ILE B 61 -5.98 -8.00 8.44
C ILE B 61 -4.79 -8.77 7.86
N LYS B 62 -3.88 -9.18 8.73
CA LYS B 62 -2.74 -9.98 8.33
C LYS B 62 -3.11 -11.47 8.29
N ILE B 63 -2.93 -12.09 7.13
CA ILE B 63 -3.18 -13.53 7.01
C ILE B 63 -1.86 -14.29 6.87
N GLU B 64 -1.66 -15.28 7.74
CA GLU B 64 -0.51 -16.18 7.68
C GLU B 64 -0.88 -17.47 6.95
N HIS B 65 0.12 -18.12 6.38
CA HIS B 65 -0.09 -19.41 5.74
C HIS B 65 0.81 -20.48 6.33
N TRP B 66 0.21 -21.51 6.89
CA TRP B 66 0.95 -22.57 7.57
C TRP B 66 0.83 -23.90 6.85
N ILE B 67 1.89 -24.70 6.94
CA ILE B 67 1.91 -26.04 6.37
C ILE B 67 2.39 -27.04 7.41
N GLU B 68 1.66 -28.14 7.58
CA GLU B 68 2.05 -29.16 8.56
C GLU B 68 3.10 -30.05 7.89
N THR B 69 4.22 -30.28 8.55
CA THR B 69 5.37 -30.89 7.89
C THR B 69 5.10 -32.30 7.36
N ALA B 70 4.63 -33.19 8.24
CA ALA B 70 4.39 -34.58 7.87
C ALA B 70 3.21 -34.73 6.91
N SER B 71 2.09 -34.09 7.23
CA SER B 71 0.88 -34.26 6.40
C SER B 71 0.85 -33.38 5.16
N HIS B 72 1.65 -32.33 5.16
CA HIS B 72 1.59 -31.30 4.11
C HIS B 72 0.24 -30.56 4.08
N THR B 73 -0.50 -30.63 5.18
CA THR B 73 -1.76 -29.92 5.30
C THR B 73 -1.50 -28.42 5.36
N PRO B 74 -2.21 -27.66 4.53
CA PRO B 74 -2.14 -26.19 4.53
C PRO B 74 -3.18 -25.61 5.48
N GLU B 75 -2.84 -24.53 6.18
CA GLU B 75 -3.84 -23.79 6.94
C GLU B 75 -3.56 -22.28 6.94
N ALA B 76 -4.58 -21.51 6.63
CA ALA B 76 -4.48 -20.05 6.66
C ALA B 76 -5.11 -19.51 7.96
N LYS B 77 -4.47 -18.51 8.54
CA LYS B 77 -4.83 -18.00 9.86
C LYS B 77 -4.71 -16.47 9.92
N VAL B 78 -5.70 -15.82 10.51
CA VAL B 78 -5.55 -14.40 10.79
C VAL B 78 -4.63 -14.22 11.98
N LYS B 79 -3.60 -13.40 11.83
CA LYS B 79 -2.72 -13.08 12.93
C LYS B 79 -3.11 -11.71 13.51
N TYR B 80 -2.88 -11.52 14.82
CA TYR B 80 -3.37 -10.34 15.53
C TYR B 80 -4.82 -10.00 15.16
N PRO B 81 -5.76 -10.94 15.37
CA PRO B 81 -7.18 -10.72 15.07
C PRO B 81 -7.82 -9.68 15.98
N PHE B 82 -8.73 -8.89 15.41
CA PHE B 82 -9.45 -7.88 16.17
C PHE B 82 -10.91 -7.79 15.68
N LYS B 83 -11.74 -7.06 16.42
CA LYS B 83 -13.11 -6.86 16.03
C LYS B 83 -13.41 -5.37 15.93
N VAL B 84 -14.19 -5.00 14.92
CA VAL B 84 -14.73 -3.65 14.83
C VAL B 84 -16.15 -3.73 14.29
N ASP B 85 -16.90 -2.65 14.45
CA ASP B 85 -18.30 -2.64 14.05
C ASP B 85 -18.51 -1.95 12.71
N LEU B 86 -18.69 -2.75 11.66
CA LEU B 86 -18.95 -2.21 10.34
C LEU B 86 -20.38 -2.43 9.88
N SER B 87 -21.30 -2.54 10.81
CA SER B 87 -22.70 -2.62 10.44
C SER B 87 -23.07 -1.32 9.77
N ASP B 88 -23.95 -1.39 8.77
CA ASP B 88 -24.32 -0.22 7.96
C ASP B 88 -23.29 0.09 6.89
N LYS B 89 -22.31 -0.78 6.71
CA LYS B 89 -21.25 -0.53 5.73
C LYS B 89 -21.17 -1.57 4.62
N ASN B 90 -20.80 -1.11 3.44
CA ASN B 90 -20.46 -2.00 2.33
C ASN B 90 -18.96 -2.20 2.29
N VAL B 91 -18.51 -3.44 2.48
CA VAL B 91 -17.10 -3.76 2.55
C VAL B 91 -16.60 -4.37 1.25
N LEU B 92 -15.39 -3.96 0.87
CA LEU B 92 -14.68 -4.56 -0.23
C LEU B 92 -13.36 -5.09 0.31
N ILE B 93 -13.17 -6.40 0.22
CA ILE B 93 -11.93 -7.05 0.60
C ILE B 93 -10.98 -7.12 -0.57
N ILE B 94 -9.75 -6.70 -0.38
CA ILE B 94 -8.80 -6.64 -1.49
C ILE B 94 -7.49 -7.37 -1.24
N ASP B 95 -7.07 -8.15 -2.24
CA ASP B 95 -5.77 -8.81 -2.21
C ASP B 95 -5.09 -8.72 -3.57
N ASP B 96 -3.79 -9.03 -3.64
CA ASP B 96 -3.07 -9.00 -4.91
C ASP B 96 -3.50 -10.11 -5.89
N ILE B 97 -3.50 -11.35 -5.44
CA ILE B 97 -3.80 -12.47 -6.35
C ILE B 97 -4.65 -13.55 -5.68
N THR B 98 -5.61 -14.08 -6.43
CA THR B 98 -6.30 -15.30 -5.99
C THR B 98 -5.59 -16.49 -6.62
N ASP B 99 -4.92 -17.28 -5.81
CA ASP B 99 -4.21 -18.44 -6.32
C ASP B 99 -5.05 -19.70 -6.05
N THR B 100 -4.96 -20.20 -4.81
CA THR B 100 -5.81 -21.32 -4.40
C THR B 100 -7.17 -20.77 -4.03
N GLY B 101 -7.18 -19.52 -3.57
CA GLY B 101 -8.41 -18.92 -3.08
C GLY B 101 -8.58 -19.11 -1.59
N ASP B 102 -7.62 -19.79 -0.97
CA ASP B 102 -7.67 -20.01 0.47
C ASP B 102 -7.75 -18.69 1.25
N SER B 103 -7.00 -17.69 0.80
CA SER B 103 -6.92 -16.42 1.53
C SER B 103 -8.21 -15.60 1.49
N ILE B 104 -8.76 -15.39 0.31
CA ILE B 104 -10.02 -14.65 0.21
C ILE B 104 -11.19 -15.41 0.85
N GLU B 105 -11.13 -16.75 0.82
CA GLU B 105 -12.11 -17.53 1.56
C GLU B 105 -12.07 -17.20 3.05
N LEU B 106 -10.89 -17.26 3.65
CA LEU B 106 -10.75 -16.98 5.07
C LEU B 106 -11.16 -15.55 5.39
N ALA B 107 -10.60 -14.61 4.64
CA ALA B 107 -10.89 -13.19 4.86
C ALA B 107 -12.38 -12.94 4.87
N ARG B 108 -13.09 -13.51 3.89
CA ARG B 108 -14.52 -13.30 3.80
C ARG B 108 -15.24 -13.81 5.06
N LYS B 109 -14.96 -15.05 5.45
CA LYS B 109 -15.56 -15.59 6.66
C LYS B 109 -15.22 -14.71 7.84
N TYR B 110 -13.93 -14.42 8.00
CA TYR B 110 -13.49 -13.62 9.13
C TYR B 110 -14.27 -12.31 9.22
N VAL B 111 -14.31 -11.59 8.10
CA VAL B 111 -14.94 -10.28 8.06
C VAL B 111 -16.41 -10.33 8.41
N MET B 112 -17.14 -11.30 7.84
CA MET B 112 -18.56 -11.44 8.13
C MET B 112 -18.81 -11.74 9.62
N GLU B 113 -17.91 -12.51 10.22
CA GLU B 113 -18.10 -12.96 11.60
C GLU B 113 -17.71 -11.92 12.63
N ASN B 114 -16.76 -11.07 12.28
CA ASN B 114 -16.17 -10.18 13.27
C ASN B 114 -16.38 -8.69 13.03
N PHE B 115 -16.68 -8.33 11.79
CA PHE B 115 -16.92 -6.93 11.47
C PHE B 115 -18.41 -6.68 11.25
N ARG B 116 -19.14 -7.74 10.92
CA ARG B 116 -20.58 -7.68 10.79
C ARG B 116 -21.06 -6.58 9.84
N PRO B 117 -20.57 -6.58 8.59
CA PRO B 117 -20.94 -5.57 7.61
C PRO B 117 -22.27 -5.88 6.96
N THR B 118 -22.91 -4.87 6.39
CA THR B 118 -24.13 -5.06 5.63
C THR B 118 -23.86 -5.97 4.42
N GLU B 119 -22.74 -5.72 3.75
CA GLU B 119 -22.38 -6.52 2.58
C GLU B 119 -20.88 -6.61 2.37
N VAL B 120 -20.45 -7.72 1.77
CA VAL B 120 -19.04 -7.98 1.54
C VAL B 120 -18.81 -8.48 0.13
N LYS B 121 -17.78 -7.95 -0.52
CA LYS B 121 -17.36 -8.48 -1.81
C LYS B 121 -15.84 -8.60 -1.83
N THR B 122 -15.34 -9.36 -2.81
CA THR B 122 -13.91 -9.64 -2.90
C THR B 122 -13.33 -9.20 -4.23
N ALA B 123 -12.08 -8.74 -4.22
CA ALA B 123 -11.39 -8.28 -5.42
C ALA B 123 -9.91 -8.53 -5.35
N THR B 124 -9.33 -9.01 -6.45
CA THR B 124 -7.89 -9.15 -6.55
C THR B 124 -7.42 -8.70 -7.93
N LEU B 125 -6.17 -8.28 -8.04
CA LEU B 125 -5.64 -7.88 -9.33
C LEU B 125 -5.68 -9.06 -10.30
N GLN B 126 -5.22 -10.20 -9.82
CA GLN B 126 -5.11 -11.37 -10.67
C GLN B 126 -5.81 -12.58 -10.08
N TYR B 127 -6.17 -13.49 -10.97
CA TYR B 127 -6.99 -14.65 -10.63
C TYR B 127 -6.54 -15.83 -11.50
N ILE B 128 -6.03 -16.87 -10.85
CA ILE B 128 -5.54 -18.04 -11.58
C ILE B 128 -6.62 -19.10 -11.75
N LYS B 129 -7.25 -19.08 -12.93
CA LYS B 129 -8.40 -19.93 -13.24
C LYS B 129 -8.19 -21.39 -12.83
N PRO B 130 -7.10 -22.02 -13.28
CA PRO B 130 -6.85 -23.45 -13.01
C PRO B 130 -6.69 -23.75 -11.52
N ALA B 131 -6.15 -22.81 -10.76
CA ALA B 131 -5.78 -23.09 -9.37
C ALA B 131 -6.86 -22.72 -8.35
N ALA B 132 -7.73 -21.77 -8.72
CA ALA B 132 -8.63 -21.14 -7.74
C ALA B 132 -9.87 -21.95 -7.38
N LYS B 133 -9.97 -22.35 -6.12
CA LYS B 133 -11.14 -23.09 -5.65
C LYS B 133 -12.30 -22.16 -5.35
N ILE B 134 -11.97 -20.92 -4.98
CA ILE B 134 -12.96 -19.86 -4.80
C ILE B 134 -12.72 -18.78 -5.84
N ILE B 135 -13.77 -18.09 -6.24
CA ILE B 135 -13.61 -17.03 -7.22
C ILE B 135 -13.95 -15.66 -6.66
N PRO B 136 -13.06 -14.70 -6.86
CA PRO B 136 -13.35 -13.36 -6.32
C PRO B 136 -14.45 -12.71 -7.13
N ASP B 137 -15.27 -11.88 -6.47
CA ASP B 137 -16.32 -11.15 -7.17
C ASP B 137 -15.77 -10.27 -8.29
N TYR B 138 -14.62 -9.63 -8.05
CA TYR B 138 -13.99 -8.86 -9.11
C TYR B 138 -12.53 -9.21 -9.27
N TYR B 139 -12.05 -9.20 -10.51
CA TYR B 139 -10.63 -9.35 -10.75
C TYR B 139 -10.30 -8.56 -11.97
N ALA B 140 -9.06 -8.12 -12.09
CA ALA B 140 -8.65 -7.31 -13.23
C ALA B 140 -8.16 -8.18 -14.40
N GLU B 141 -7.51 -9.30 -14.08
CA GLU B 141 -6.86 -10.11 -15.08
C GLU B 141 -6.94 -11.61 -14.75
N GLU B 142 -7.45 -12.38 -15.70
CA GLU B 142 -7.51 -13.84 -15.56
C GLU B 142 -6.21 -14.46 -16.04
N ILE B 143 -5.64 -15.34 -15.21
CA ILE B 143 -4.43 -16.09 -15.56
C ILE B 143 -4.83 -17.54 -15.82
N VAL B 144 -4.47 -18.05 -16.99
CA VAL B 144 -4.89 -19.40 -17.35
C VAL B 144 -3.78 -20.43 -17.21
N SER B 145 -2.56 -19.95 -16.98
CA SER B 145 -1.44 -20.84 -16.70
C SER B 145 -0.67 -20.37 -15.46
N TRP B 146 -0.63 -21.21 -14.43
CA TRP B 146 0.08 -20.87 -13.20
C TRP B 146 1.46 -20.27 -13.42
N ALA B 147 1.75 -19.23 -12.67
CA ALA B 147 3.07 -18.63 -12.66
C ALA B 147 3.24 -17.94 -11.31
N TRP B 148 4.49 -17.66 -10.93
CA TRP B 148 4.70 -16.84 -9.74
C TRP B 148 4.75 -15.40 -10.16
N PHE B 149 3.84 -14.60 -9.63
CA PHE B 149 3.83 -13.18 -9.96
C PHE B 149 4.68 -12.39 -8.98
N MET B 150 5.70 -11.75 -9.52
CA MET B 150 6.61 -10.97 -8.71
C MET B 150 6.16 -9.51 -8.74
N TYR B 151 5.51 -9.06 -7.68
CA TYR B 151 5.00 -7.69 -7.59
C TYR B 151 6.08 -6.72 -7.14
N PRO B 152 5.94 -5.44 -7.52
CA PRO B 152 6.98 -4.43 -7.26
C PRO B 152 7.18 -4.18 -5.77
N TRP B 153 6.22 -4.55 -4.96
CA TRP B 153 6.36 -4.40 -3.53
C TRP B 153 6.91 -5.66 -2.89
N ASN B 154 7.40 -6.57 -3.73
CA ASN B 154 7.84 -7.88 -3.27
C ASN B 154 9.20 -8.28 -3.87
N TYR B 155 9.82 -7.36 -4.62
CA TYR B 155 11.03 -7.63 -5.35
C TYR B 155 12.16 -8.20 -4.49
N TRP B 156 12.40 -7.60 -3.33
CA TRP B 156 13.49 -8.06 -2.47
C TRP B 156 13.21 -9.48 -1.97
N GLU B 157 12.07 -9.66 -1.33
CA GLU B 157 11.73 -10.93 -0.70
C GLU B 157 11.66 -12.08 -1.73
N ASP B 158 10.99 -11.82 -2.85
CA ASP B 158 10.88 -12.80 -3.90
C ASP B 158 12.25 -13.17 -4.44
N GLU B 159 13.10 -12.19 -4.67
CA GLU B 159 14.41 -12.52 -5.22
C GLU B 159 15.26 -13.27 -4.20
N ILE B 160 15.17 -12.87 -2.94
CA ILE B 160 15.83 -13.59 -1.86
C ILE B 160 15.41 -15.06 -1.87
N ASN B 161 14.11 -15.31 -1.91
CA ASN B 161 13.63 -16.70 -1.95
C ASN B 161 14.04 -17.45 -3.21
N LEU B 162 14.02 -16.78 -4.37
CA LEU B 162 14.41 -17.41 -5.62
C LEU B 162 15.91 -17.76 -5.61
N VAL B 163 16.71 -16.86 -5.05
CA VAL B 163 18.13 -17.16 -4.88
C VAL B 163 18.33 -18.37 -3.97
N ASN B 164 17.63 -18.38 -2.85
CA ASN B 164 17.75 -19.47 -1.90
C ASN B 164 17.43 -20.81 -2.52
N LYS B 165 16.40 -20.86 -3.35
CA LYS B 165 16.00 -22.12 -3.97
C LYS B 165 17.13 -22.66 -4.85
N ILE B 166 17.92 -21.76 -5.44
CA ILE B 166 19.05 -22.21 -6.26
C ILE B 166 20.22 -22.66 -5.39
N LEU B 167 20.55 -21.89 -4.37
CA LEU B 167 21.68 -22.19 -3.51
C LEU B 167 21.59 -23.53 -2.76
N ILE B 168 20.39 -23.95 -2.39
CA ILE B 168 20.25 -25.21 -1.68
C ILE B 168 20.42 -26.46 -2.57
N GLU B 169 20.45 -26.29 -3.88
CA GLU B 169 20.66 -27.41 -4.80
C GLU B 169 22.14 -27.70 -4.88
N ARG B 170 22.96 -26.70 -4.56
CA ARG B 170 24.41 -26.87 -4.65
C ARG B 170 25.07 -27.12 -3.30
N LYS B 171 26.27 -27.68 -3.36
CA LYS B 171 27.05 -27.95 -2.16
C LYS B 171 28.12 -26.88 -2.05
N THR B 172 28.77 -26.58 -3.17
CA THR B 172 29.88 -25.62 -3.25
C THR B 172 29.48 -24.23 -2.73
N LYS B 173 30.08 -23.83 -1.61
CA LYS B 173 29.56 -22.71 -0.81
C LYS B 173 30.33 -21.39 -0.88
N ASP B 174 31.09 -21.19 -1.95
CA ASP B 174 31.69 -19.88 -2.19
C ASP B 174 31.03 -19.25 -3.41
N ILE B 175 29.91 -18.57 -3.17
CA ILE B 175 28.96 -18.15 -4.22
C ILE B 175 29.54 -17.38 -5.42
N ASP B 176 29.50 -18.01 -6.60
CA ASP B 176 29.87 -17.36 -7.84
C ASP B 176 28.66 -16.57 -8.35
N ILE B 177 28.82 -15.26 -8.49
CA ILE B 177 27.69 -14.43 -8.84
C ILE B 177 27.29 -14.71 -10.28
N ASN B 178 28.28 -14.89 -11.15
CA ASN B 178 28.02 -15.15 -12.55
C ASN B 178 27.29 -16.46 -12.74
N GLU B 179 27.61 -17.44 -11.91
CA GLU B 179 26.91 -18.72 -11.95
C GLU B 179 25.48 -18.49 -11.50
N LEU B 180 25.35 -17.82 -10.36
CA LEU B 180 24.05 -17.46 -9.85
C LEU B 180 23.14 -16.76 -10.87
N LYS B 181 23.68 -15.76 -11.58
CA LYS B 181 22.91 -15.01 -12.57
C LYS B 181 22.44 -15.91 -13.71
N ARG B 182 23.35 -16.78 -14.13
CA ARG B 182 23.06 -17.72 -15.21
C ARG B 182 21.89 -18.60 -14.80
N ASN B 183 21.96 -19.13 -13.58
CA ASN B 183 20.93 -20.05 -13.10
C ASN B 183 19.59 -19.36 -13.03
N PHE B 184 19.64 -18.10 -12.61
CA PHE B 184 18.46 -17.27 -12.53
C PHE B 184 17.75 -17.19 -13.89
N VAL B 185 18.54 -17.01 -14.94
CA VAL B 185 17.99 -17.00 -16.28
C VAL B 185 17.45 -18.39 -16.61
N GLU B 186 18.28 -19.41 -16.38
CA GLU B 186 17.89 -20.77 -16.73
C GLU B 186 16.65 -21.23 -15.98
N SER B 187 16.59 -20.96 -14.67
CA SER B 187 15.47 -21.43 -13.87
C SER B 187 14.23 -20.53 -13.89
N TYR B 188 14.41 -19.23 -14.06
CA TYR B 188 13.30 -18.29 -13.87
C TYR B 188 13.00 -17.44 -15.08
N GLY B 189 13.93 -17.43 -16.03
CA GLY B 189 13.75 -16.67 -17.24
C GLY B 189 13.94 -15.18 -17.05
N ILE B 190 14.71 -14.81 -16.02
CA ILE B 190 14.89 -13.41 -15.69
C ILE B 190 16.32 -12.99 -15.92
N GLU B 191 16.54 -12.20 -16.95
CA GLU B 191 17.87 -11.73 -17.28
C GLU B 191 18.25 -10.52 -16.47
N ASN B 192 17.26 -9.69 -16.14
CA ASN B 192 17.50 -8.41 -15.51
C ASN B 192 16.65 -8.23 -14.26
N PRO B 193 17.05 -8.88 -13.16
CA PRO B 193 16.22 -8.82 -11.96
C PRO B 193 16.07 -7.37 -11.53
N PRO B 194 14.86 -6.96 -11.11
CA PRO B 194 14.65 -5.59 -10.64
C PRO B 194 15.70 -5.15 -9.61
N ILE B 195 15.99 -6.00 -8.63
CA ILE B 195 17.09 -5.72 -7.72
C ILE B 195 18.29 -6.58 -8.11
N SER B 196 19.45 -5.96 -8.31
CA SER B 196 20.65 -6.70 -8.72
C SER B 196 21.08 -7.76 -7.69
N LEU B 197 21.43 -8.94 -8.17
CA LEU B 197 21.67 -10.07 -7.27
C LEU B 197 22.78 -9.82 -6.24
N ASP B 198 23.73 -8.96 -6.54
CA ASP B 198 24.75 -8.63 -5.53
C ASP B 198 24.13 -7.88 -4.36
N LYS B 199 23.15 -7.04 -4.62
CA LYS B 199 22.39 -6.44 -3.54
C LYS B 199 21.59 -7.49 -2.75
N ILE B 200 20.96 -8.42 -3.46
CA ILE B 200 20.21 -9.47 -2.81
C ILE B 200 21.11 -10.30 -1.86
N LEU B 201 22.27 -10.72 -2.36
CA LEU B 201 23.23 -11.49 -1.56
C LEU B 201 23.66 -10.77 -0.30
N THR B 202 24.08 -9.52 -0.46
CA THR B 202 24.45 -8.68 0.68
C THR B 202 23.36 -8.72 1.74
N GLU B 203 22.12 -8.48 1.31
CA GLU B 203 20.99 -8.45 2.24
C GLU B 203 20.70 -9.83 2.88
N MET B 204 20.94 -10.89 2.12
CA MET B 204 20.78 -12.23 2.69
C MET B 204 21.76 -12.42 3.84
N LYS B 205 22.98 -11.92 3.65
CA LYS B 205 23.99 -11.99 4.70
C LYS B 205 23.52 -11.23 5.95
N ARG B 206 23.18 -9.96 5.75
CA ARG B 206 22.68 -9.13 6.83
C ARG B 206 21.62 -9.86 7.65
N ARG B 207 20.69 -10.53 6.98
CA ARG B 207 19.57 -11.18 7.66
C ARG B 207 19.97 -12.50 8.29
N LYS B 208 21.19 -12.94 8.03
CA LYS B 208 21.67 -14.23 8.54
C LYS B 208 21.09 -15.39 7.73
N ILE B 209 20.73 -15.14 6.48
CA ILE B 209 20.24 -16.19 5.58
C ILE B 209 21.38 -16.96 4.90
N VAL B 210 22.56 -16.35 4.81
CA VAL B 210 23.76 -17.04 4.32
C VAL B 210 24.99 -16.81 5.21
#